data_3TOL
#
_entry.id   3TOL
#
_cell.length_a   56.546
_cell.length_b   69.506
_cell.length_c   126.567
_cell.angle_alpha   90.000
_cell.angle_beta   90.000
_cell.angle_gamma   90.000
#
_symmetry.space_group_name_H-M   'P 21 21 21'
#
loop_
_entity.id
_entity.type
_entity.pdbx_description
1 polymer 'Soluble cytochrome b562'
2 non-polymer 'PROTOPORPHYRIN IX CONTAINING FE'
3 non-polymer 'ZINC ION'
4 non-polymer 'CALCIUM ION'
5 water water
#
_entity_poly.entity_id   1
_entity_poly.type   'polypeptide(L)'
_entity_poly.pdbx_seq_one_letter_code
;ADLEDNMETLNDNLKVIEKADNAAQVEKALEKMLAAAADALKATPPKLEDKSPDSPEMRDFRHGFAILMGQIHDAAHLAN
EGKVKEAQAAAEQLKTTCNACHQKYR
;
_entity_poly.pdbx_strand_id   A,C,D,B
#
loop_
_chem_comp.id
_chem_comp.type
_chem_comp.name
_chem_comp.formula
CA non-polymer 'CALCIUM ION' 'Ca 2'
HEM non-polymer 'PROTOPORPHYRIN IX CONTAINING FE' 'C34 H32 Fe N4 O4'
ZN non-polymer 'ZINC ION' 'Zn 2'
#
# COMPACT_ATOMS: atom_id res chain seq x y z
N ALA A 1 10.01 -22.23 -14.80
CA ALA A 1 8.77 -22.75 -15.43
C ALA A 1 7.88 -21.59 -15.89
N ASP A 2 6.97 -21.85 -16.84
CA ASP A 2 6.03 -20.83 -17.30
C ASP A 2 4.82 -20.63 -16.35
N LEU A 3 3.98 -19.65 -16.68
CA LEU A 3 2.87 -19.25 -15.80
C LEU A 3 1.88 -20.40 -15.55
N GLU A 4 1.46 -21.07 -16.62
CA GLU A 4 0.54 -22.20 -16.50
C GLU A 4 1.08 -23.33 -15.63
N ASP A 5 2.36 -23.68 -15.82
CA ASP A 5 2.94 -24.76 -15.03
C ASP A 5 3.03 -24.38 -13.55
N ASN A 6 3.42 -23.15 -13.26
CA ASN A 6 3.43 -22.68 -11.87
C ASN A 6 2.04 -22.65 -11.25
N MET A 7 1.03 -22.28 -12.05
CA MET A 7 -0.36 -22.28 -11.56
C MET A 7 -0.82 -23.69 -11.23
N GLU A 8 -0.38 -24.66 -12.03
CA GLU A 8 -0.71 -26.06 -11.80
C GLU A 8 -0.11 -26.53 -10.46
N THR A 9 1.14 -26.13 -10.21
CA THR A 9 1.84 -26.41 -8.95
C THR A 9 1.14 -25.81 -7.75
N LEU A 10 0.66 -24.59 -7.88
CA LEU A 10 -0.06 -23.94 -6.80
C LEU A 10 -1.36 -24.70 -6.50
N ASN A 11 -2.11 -25.01 -7.56
CA ASN A 11 -3.34 -25.75 -7.41
C ASN A 11 -3.11 -27.13 -6.77
N ASP A 12 -2.14 -27.88 -7.29
CA ASP A 12 -1.93 -29.25 -6.85
C ASP A 12 -1.53 -29.22 -5.37
N ASN A 13 -0.71 -28.26 -5.00
CA ASN A 13 -0.26 -28.18 -3.60
C ASN A 13 -1.31 -27.81 -2.58
N LEU A 14 -2.27 -26.98 -2.97
CA LEU A 14 -3.47 -26.77 -2.15
C LEU A 14 -4.17 -28.08 -1.81
N LYS A 15 -4.29 -28.99 -2.78
CA LYS A 15 -5.01 -30.25 -2.57
C LYS A 15 -4.17 -31.13 -1.65
N VAL A 16 -2.85 -31.07 -1.82
CA VAL A 16 -1.93 -31.82 -0.97
C VAL A 16 -2.12 -31.34 0.47
N ILE A 17 -2.19 -30.02 0.66
CA ILE A 17 -2.35 -29.48 2.01
C ILE A 17 -3.70 -29.92 2.64
N GLU A 18 -4.75 -29.87 1.84
CA GLU A 18 -6.08 -30.29 2.28
C GLU A 18 -6.09 -31.73 2.80
N LYS A 19 -5.34 -32.60 2.12
CA LYS A 19 -5.29 -34.02 2.49
C LYS A 19 -4.07 -34.43 3.34
N ALA A 20 -3.22 -33.47 3.71
CA ALA A 20 -1.97 -33.76 4.43
C ALA A 20 -2.19 -34.48 5.76
N ASP A 21 -1.20 -35.29 6.17
CA ASP A 21 -1.34 -36.18 7.33
C ASP A 21 -0.69 -35.58 8.58
N ASN A 22 0.16 -34.58 8.38
CA ASN A 22 0.90 -33.94 9.48
C ASN A 22 1.41 -32.56 9.07
N ALA A 23 2.02 -31.87 10.04
CA ALA A 23 2.51 -30.49 9.88
C ALA A 23 3.70 -30.42 8.91
N ALA A 24 4.58 -31.42 9.00
CA ALA A 24 5.75 -31.45 8.14
C ALA A 24 5.33 -31.49 6.66
N GLN A 25 4.27 -32.24 6.37
CA GLN A 25 3.78 -32.34 4.99
C GLN A 25 3.19 -31.01 4.52
N VAL A 26 2.44 -30.35 5.40
CA VAL A 26 1.85 -29.07 5.07
C VAL A 26 2.94 -27.99 4.83
N GLU A 27 3.97 -28.00 5.68
CA GLU A 27 5.09 -27.08 5.55
C GLU A 27 5.80 -27.21 4.20
N LYS A 28 6.17 -28.42 3.79
CA LYS A 28 6.91 -28.52 2.54
C LYS A 28 6.03 -28.25 1.29
N ALA A 29 4.74 -28.55 1.37
CA ALA A 29 3.78 -28.18 0.32
C ALA A 29 3.65 -26.66 0.16
N LEU A 30 3.57 -25.95 1.29
CA LEU A 30 3.59 -24.49 1.30
C LEU A 30 4.91 -23.90 0.76
N GLU A 31 6.03 -24.52 1.09
CA GLU A 31 7.34 -24.11 0.56
C GLU A 31 7.42 -24.23 -0.99
N LYS A 32 6.83 -25.31 -1.50
CA LYS A 32 6.71 -25.50 -2.94
C LYS A 32 5.78 -24.47 -3.61
N MET A 33 4.72 -24.07 -2.91
CA MET A 33 3.83 -22.99 -3.39
C MET A 33 4.58 -21.65 -3.46
N LEU A 34 5.35 -21.38 -2.41
CA LEU A 34 6.13 -20.16 -2.33
C LEU A 34 7.10 -20.08 -3.53
N ALA A 35 7.76 -21.20 -3.85
CA ALA A 35 8.69 -21.23 -4.98
C ALA A 35 7.92 -21.00 -6.30
N ALA A 36 6.78 -21.65 -6.46
CA ALA A 36 5.99 -21.55 -7.69
C ALA A 36 5.51 -20.12 -7.89
N ALA A 37 5.07 -19.49 -6.81
CA ALA A 37 4.62 -18.09 -6.83
C ALA A 37 5.79 -17.15 -7.21
N ALA A 38 6.98 -17.41 -6.67
CA ALA A 38 8.15 -16.58 -6.99
C ALA A 38 8.52 -16.72 -8.46
N ASP A 39 8.46 -17.97 -8.97
CA ASP A 39 8.88 -18.25 -10.34
C ASP A 39 7.84 -17.67 -11.30
N ALA A 40 6.60 -17.53 -10.83
CA ALA A 40 5.50 -16.99 -11.67
C ALA A 40 5.56 -15.48 -11.80
N LEU A 41 6.19 -14.81 -10.84
CA LEU A 41 6.23 -13.35 -10.80
C LEU A 41 6.72 -12.73 -12.10
N LYS A 42 7.71 -13.35 -12.73
CA LYS A 42 8.30 -12.81 -13.97
C LYS A 42 7.41 -12.88 -15.21
N ALA A 43 6.28 -13.60 -15.12
CA ALA A 43 5.49 -13.90 -16.33
C ALA A 43 4.69 -12.70 -16.84
N THR A 44 4.47 -12.67 -18.15
CA THR A 44 3.48 -11.80 -18.77
C THR A 44 2.27 -12.66 -19.10
N PRO A 45 1.13 -12.43 -18.43
CA PRO A 45 -0.09 -13.20 -18.73
C PRO A 45 -0.69 -12.79 -20.09
N PRO A 46 -1.39 -13.73 -20.77
CA PRO A 46 -2.01 -13.51 -22.08
C PRO A 46 -2.84 -12.22 -22.19
N LYS A 47 -3.65 -11.95 -21.16
CA LYS A 47 -4.51 -10.76 -21.09
C LYS A 47 -3.74 -9.42 -21.03
N LEU A 48 -2.45 -9.46 -20.71
CA LEU A 48 -1.66 -8.22 -20.63
C LEU A 48 -0.50 -8.15 -21.65
N GLU A 49 -0.50 -9.05 -22.62
CA GLU A 49 0.60 -9.16 -23.60
C GLU A 49 0.92 -7.89 -24.38
N ASP A 50 -0.06 -7.02 -24.57
CA ASP A 50 0.13 -5.81 -25.38
C ASP A 50 0.41 -4.56 -24.56
N LYS A 51 0.48 -4.73 -23.24
CA LYS A 51 0.81 -3.66 -22.31
C LYS A 51 2.32 -3.54 -22.20
N SER A 52 2.77 -2.35 -21.83
CA SER A 52 4.17 -2.12 -21.46
C SER A 52 4.60 -3.02 -20.29
N PRO A 53 5.87 -3.51 -20.30
CA PRO A 53 6.40 -4.27 -19.16
C PRO A 53 6.24 -3.52 -17.83
N ASP A 54 6.29 -2.19 -17.88
CA ASP A 54 6.18 -1.35 -16.69
C ASP A 54 4.82 -0.65 -16.53
N SER A 55 3.80 -1.16 -17.23
CA SER A 55 2.44 -0.64 -17.13
C SER A 55 1.88 -0.80 -15.71
N PRO A 56 0.90 0.05 -15.32
CA PRO A 56 0.24 -0.16 -14.02
C PRO A 56 -0.30 -1.58 -13.87
N GLU A 57 -0.83 -2.15 -14.94
CA GLU A 57 -1.42 -3.50 -14.91
C GLU A 57 -0.38 -4.58 -14.59
N MET A 58 0.76 -4.52 -15.28
CA MET A 58 1.87 -5.44 -15.03
C MET A 58 2.46 -5.28 -13.62
N ARG A 59 2.53 -4.04 -13.16
CA ARG A 59 3.01 -3.80 -11.81
C ARG A 59 2.01 -4.31 -10.76
N ASP A 60 0.71 -4.11 -11.04
CA ASP A 60 -0.34 -4.68 -10.19
C ASP A 60 -0.30 -6.23 -10.17
N PHE A 61 -0.06 -6.83 -11.33
CA PHE A 61 0.07 -8.29 -11.46
C PHE A 61 1.19 -8.80 -10.55
N ARG A 62 2.36 -8.16 -10.65
CA ARG A 62 3.50 -8.52 -9.84
C ARG A 62 3.26 -8.32 -8.34
N HIS A 63 2.47 -7.31 -7.99
CA HIS A 63 2.15 -7.04 -6.59
C HIS A 63 1.32 -8.19 -6.00
N GLY A 64 0.44 -8.76 -6.82
CA GLY A 64 -0.41 -9.86 -6.40
C GLY A 64 0.44 -11.02 -5.94
N PHE A 65 1.51 -11.29 -6.69
CA PHE A 65 2.47 -12.31 -6.28
C PHE A 65 3.25 -11.97 -4.99
N ALA A 66 3.68 -10.73 -4.83
CA ALA A 66 4.28 -10.30 -3.56
C ALA A 66 3.36 -10.63 -2.37
N ILE A 67 2.08 -10.30 -2.52
CA ILE A 67 1.08 -10.56 -1.50
C ILE A 67 0.89 -12.06 -1.28
N LEU A 68 0.70 -12.79 -2.36
CA LEU A 68 0.56 -14.25 -2.25
C LEU A 68 1.74 -14.90 -1.54
N MET A 69 2.97 -14.52 -1.92
CA MET A 69 4.18 -15.09 -1.30
C MET A 69 4.22 -14.82 0.23
N GLY A 70 3.89 -13.60 0.63
CA GLY A 70 3.81 -13.25 2.06
C GLY A 70 2.79 -14.11 2.82
N GLN A 71 1.62 -14.34 2.23
CA GLN A 71 0.59 -15.16 2.85
C GLN A 71 1.01 -16.65 2.95
N ILE A 72 1.63 -17.15 1.89
CA ILE A 72 2.17 -18.54 1.90
C ILE A 72 3.22 -18.66 2.98
N HIS A 73 4.11 -17.66 3.03
CA HIS A 73 5.17 -17.59 4.03
C HIS A 73 4.63 -17.65 5.47
N ASP A 74 3.63 -16.82 5.80
CA ASP A 74 3.01 -16.82 7.12
C ASP A 74 2.39 -18.22 7.42
N ALA A 75 1.69 -18.77 6.43
CA ALA A 75 1.11 -20.09 6.61
C ALA A 75 2.17 -21.17 6.88
N ALA A 76 3.30 -21.11 6.15
CA ALA A 76 4.41 -22.06 6.36
C ALA A 76 4.94 -22.01 7.82
N HIS A 77 5.05 -20.81 8.37
CA HIS A 77 5.41 -20.65 9.77
C HIS A 77 4.40 -21.33 10.74
N LEU A 78 3.10 -21.17 10.51
CA LEU A 78 2.13 -21.92 11.34
C LEU A 78 2.42 -23.42 11.30
N ALA A 79 2.67 -23.97 10.11
CA ALA A 79 3.02 -25.42 10.03
C ALA A 79 4.34 -25.76 10.71
N ASN A 80 5.31 -24.85 10.64
CA ASN A 80 6.59 -25.05 11.27
C ASN A 80 6.40 -25.14 12.81
N GLU A 81 5.40 -24.43 13.33
CA GLU A 81 5.10 -24.47 14.76
C GLU A 81 4.32 -25.72 15.16
N GLY A 82 3.97 -26.55 14.16
CA GLY A 82 3.22 -27.77 14.40
C GLY A 82 1.71 -27.54 14.46
N LYS A 83 1.26 -26.37 14.03
CA LYS A 83 -0.16 -26.03 14.10
C LYS A 83 -0.83 -26.45 12.78
N VAL A 84 -1.14 -27.74 12.67
CA VAL A 84 -1.58 -28.29 11.39
C VAL A 84 -2.93 -27.74 10.93
N LYS A 85 -3.93 -27.77 11.81
CA LYS A 85 -5.25 -27.23 11.49
C LYS A 85 -5.18 -25.75 11.11
N GLU A 86 -4.43 -24.96 11.89
CA GLU A 86 -4.32 -23.52 11.57
C GLU A 86 -3.64 -23.24 10.22
N ALA A 87 -2.60 -24.01 9.92
CA ALA A 87 -1.90 -23.90 8.65
C ALA A 87 -2.82 -24.25 7.50
N GLN A 88 -3.58 -25.32 7.65
CA GLN A 88 -4.58 -25.75 6.64
C GLN A 88 -5.65 -24.68 6.37
N ALA A 89 -6.16 -24.07 7.44
CA ALA A 89 -7.14 -22.98 7.30
C ALA A 89 -6.53 -21.76 6.57
N ALA A 90 -5.28 -21.45 6.89
CA ALA A 90 -4.59 -20.36 6.25
C ALA A 90 -4.35 -20.67 4.76
N ALA A 91 -4.04 -21.92 4.45
CA ALA A 91 -3.90 -22.34 3.04
C ALA A 91 -5.23 -22.18 2.29
N GLU A 92 -6.34 -22.62 2.89
CA GLU A 92 -7.69 -22.42 2.30
C GLU A 92 -7.96 -20.93 2.04
N GLN A 93 -7.56 -20.09 3.01
CA GLN A 93 -7.78 -18.65 2.91
C GLN A 93 -7.05 -17.97 1.75
N LEU A 94 -5.95 -18.56 1.32
CA LEU A 94 -5.18 -18.08 0.17
C LEU A 94 -6.03 -17.94 -1.08
N LYS A 95 -7.08 -18.78 -1.21
CA LYS A 95 -7.91 -18.86 -2.43
C LYS A 95 -8.50 -17.51 -2.79
N THR A 96 -8.67 -16.69 -1.78
CA THR A 96 -9.30 -15.40 -1.88
C THR A 96 -8.35 -14.45 -2.67
N THR A 97 -7.04 -14.64 -2.47
CA THR A 97 -5.99 -13.97 -3.24
C THR A 97 -5.89 -14.52 -4.67
N CYS A 98 -5.99 -15.85 -4.82
CA CYS A 98 -6.03 -16.50 -6.12
C CYS A 98 -7.16 -15.90 -6.94
N ASN A 99 -8.34 -15.82 -6.32
CA ASN A 99 -9.54 -15.33 -6.97
C ASN A 99 -9.44 -13.88 -7.45
N ALA A 100 -8.82 -13.04 -6.61
CA ALA A 100 -8.74 -11.61 -6.88
C ALA A 100 -7.92 -11.37 -8.14
N CYS A 101 -6.77 -12.02 -8.23
CA CYS A 101 -5.97 -11.91 -9.45
C CYS A 101 -6.67 -12.49 -10.71
N HIS A 102 -7.30 -13.66 -10.57
CA HIS A 102 -8.01 -14.30 -11.69
C HIS A 102 -9.11 -13.41 -12.25
N GLN A 103 -9.94 -12.84 -11.36
CA GLN A 103 -11.03 -11.94 -11.79
C GLN A 103 -10.50 -10.74 -12.57
N LYS A 104 -9.30 -10.28 -12.23
CA LYS A 104 -8.71 -9.15 -12.94
C LYS A 104 -7.99 -9.52 -14.23
N TYR A 105 -7.21 -10.60 -14.20
CA TYR A 105 -6.19 -10.83 -15.22
C TYR A 105 -6.22 -12.19 -15.92
N ARG A 106 -7.02 -13.13 -15.42
CA ARG A 106 -7.16 -14.44 -16.07
C ARG A 106 -8.31 -14.41 -17.08
N ALA B 1 -16.83 21.63 -6.24
CA ALA B 1 -16.18 22.15 -7.48
C ALA B 1 -15.61 20.98 -8.29
N ASP B 2 -15.42 21.18 -9.60
CA ASP B 2 -14.72 20.17 -10.44
C ASP B 2 -13.20 20.07 -10.16
N LEU B 3 -12.51 19.17 -10.85
CA LEU B 3 -11.07 18.92 -10.64
C LEU B 3 -10.20 20.13 -10.99
N GLU B 4 -10.52 20.80 -12.09
CA GLU B 4 -9.74 21.95 -12.55
C GLU B 4 -9.76 23.09 -11.55
N ASP B 5 -10.96 23.42 -11.04
CA ASP B 5 -11.12 24.43 -10.00
C ASP B 5 -10.32 24.10 -8.73
N ASN B 6 -10.45 22.86 -8.23
CA ASN B 6 -9.64 22.38 -7.11
C ASN B 6 -8.12 22.52 -7.34
N MET B 7 -7.67 22.20 -8.54
CA MET B 7 -6.26 22.36 -8.90
C MET B 7 -5.85 23.83 -8.91
N GLU B 8 -6.71 24.68 -9.46
CA GLU B 8 -6.49 26.12 -9.45
C GLU B 8 -6.37 26.62 -8.00
N THR B 9 -7.26 26.14 -7.14
CA THR B 9 -7.26 26.52 -5.73
C THR B 9 -5.95 26.07 -5.06
N LEU B 10 -5.53 24.83 -5.29
CA LEU B 10 -4.24 24.36 -4.79
C LEU B 10 -3.09 25.23 -5.29
N ASN B 11 -3.04 25.48 -6.60
CA ASN B 11 -2.01 26.33 -7.18
C ASN B 11 -2.02 27.77 -6.61
N ASP B 12 -3.19 28.41 -6.65
CA ASP B 12 -3.36 29.78 -6.15
C ASP B 12 -2.82 29.92 -4.72
N ASN B 13 -3.30 29.06 -3.82
CA ASN B 13 -2.94 29.11 -2.41
C ASN B 13 -1.48 28.80 -2.06
N LEU B 14 -0.81 28.00 -2.88
CA LEU B 14 0.63 27.80 -2.74
C LEU B 14 1.39 29.11 -3.00
N LYS B 15 0.91 29.91 -3.97
CA LYS B 15 1.47 31.24 -4.19
C LYS B 15 1.21 32.14 -2.98
N VAL B 16 0.01 32.07 -2.41
CA VAL B 16 -0.30 32.85 -1.20
C VAL B 16 0.70 32.54 -0.08
N ILE B 17 0.98 31.25 0.13
CA ILE B 17 1.89 30.81 1.19
C ILE B 17 3.32 31.33 0.99
N GLU B 18 3.83 31.18 -0.23
CA GLU B 18 5.17 31.62 -0.58
C GLU B 18 5.35 33.12 -0.31
N LYS B 19 4.27 33.90 -0.50
CA LYS B 19 4.35 35.36 -0.40
C LYS B 19 3.67 35.91 0.86
N ALA B 20 3.40 35.03 1.82
CA ALA B 20 2.72 35.43 3.06
C ALA B 20 3.62 36.21 4.00
N ASP B 21 3.00 37.03 4.85
CA ASP B 21 3.71 37.82 5.84
C ASP B 21 3.74 37.11 7.20
N ASN B 22 2.59 36.57 7.61
CA ASN B 22 2.45 35.96 8.93
C ASN B 22 1.90 34.53 8.90
N ALA B 23 1.93 33.86 10.06
CA ALA B 23 1.47 32.48 10.21
C ALA B 23 -0.02 32.32 9.94
N ALA B 24 -0.83 33.29 10.38
CA ALA B 24 -2.27 33.29 10.14
C ALA B 24 -2.66 33.15 8.66
N GLN B 25 -2.01 33.93 7.79
CA GLN B 25 -2.25 33.84 6.34
C GLN B 25 -1.85 32.47 5.78
N VAL B 26 -0.73 31.93 6.25
CA VAL B 26 -0.27 30.61 5.80
C VAL B 26 -1.29 29.52 6.25
N GLU B 27 -1.73 29.60 7.51
CA GLU B 27 -2.72 28.66 8.01
C GLU B 27 -4.04 28.65 7.22
N LYS B 28 -4.56 29.82 6.85
CA LYS B 28 -5.80 29.88 6.07
C LYS B 28 -5.61 29.34 4.66
N ALA B 29 -4.47 29.64 4.05
CA ALA B 29 -4.15 29.11 2.73
C ALA B 29 -4.10 27.59 2.78
N LEU B 30 -3.39 27.03 3.76
CA LEU B 30 -3.34 25.57 3.91
C LEU B 30 -4.73 24.95 4.13
N GLU B 31 -5.60 25.60 4.90
CA GLU B 31 -7.00 25.16 5.07
C GLU B 31 -7.73 25.03 3.74
N LYS B 32 -7.57 26.06 2.90
CA LYS B 32 -8.17 26.07 1.56
C LYS B 32 -7.61 24.93 0.70
N MET B 33 -6.32 24.63 0.89
CA MET B 33 -5.68 23.55 0.11
C MET B 33 -6.18 22.20 0.56
N LEU B 34 -6.38 22.03 1.86
CA LEU B 34 -6.89 20.79 2.40
C LEU B 34 -8.30 20.48 1.86
N ALA B 35 -9.17 21.50 1.84
CA ALA B 35 -10.52 21.36 1.31
C ALA B 35 -10.52 21.02 -0.20
N ALA B 36 -9.64 21.67 -0.94
CA ALA B 36 -9.56 21.43 -2.39
C ALA B 36 -9.10 20.00 -2.68
N ALA B 37 -8.09 19.54 -1.95
CA ALA B 37 -7.62 18.16 -2.07
C ALA B 37 -8.75 17.16 -1.79
N ALA B 38 -9.45 17.39 -0.68
CA ALA B 38 -10.55 16.54 -0.26
C ALA B 38 -11.67 16.48 -1.29
N ASP B 39 -12.02 17.64 -1.86
CA ASP B 39 -13.03 17.75 -2.90
C ASP B 39 -12.59 17.08 -4.19
N ALA B 40 -11.28 17.09 -4.45
CA ALA B 40 -10.71 16.49 -5.67
C ALA B 40 -10.74 14.96 -5.69
N LEU B 41 -10.76 14.36 -4.50
CA LEU B 41 -10.75 12.89 -4.32
C LEU B 41 -11.82 12.12 -5.12
N LYS B 42 -12.97 12.73 -5.33
CA LYS B 42 -14.08 12.07 -6.04
C LYS B 42 -13.96 12.11 -7.58
N ALA B 43 -13.04 12.93 -8.09
CA ALA B 43 -12.93 13.18 -9.52
C ALA B 43 -12.36 12.00 -10.31
N THR B 44 -12.87 11.84 -11.53
CA THR B 44 -12.25 10.96 -12.52
C THR B 44 -11.55 11.88 -13.52
N PRO B 45 -10.20 11.80 -13.59
CA PRO B 45 -9.48 12.73 -14.47
C PRO B 45 -9.61 12.28 -15.93
N PRO B 46 -9.55 13.23 -16.88
CA PRO B 46 -9.60 12.93 -18.31
C PRO B 46 -8.73 11.74 -18.77
N LYS B 47 -7.48 11.68 -18.31
CA LYS B 47 -6.58 10.57 -18.68
C LYS B 47 -7.06 9.18 -18.27
N LEU B 48 -7.90 9.11 -17.23
CA LEU B 48 -8.39 7.82 -16.75
C LEU B 48 -9.91 7.64 -16.93
N GLU B 49 -10.50 8.42 -17.84
CA GLU B 49 -11.95 8.37 -18.09
C GLU B 49 -12.50 7.01 -18.53
N ASP B 50 -11.67 6.24 -19.24
CA ASP B 50 -12.10 4.95 -19.77
C ASP B 50 -11.78 3.76 -18.85
N LYS B 51 -11.06 4.04 -17.76
CA LYS B 51 -10.64 3.00 -16.84
C LYS B 51 -11.74 2.70 -15.82
N SER B 52 -11.79 1.44 -15.39
CA SER B 52 -12.67 1.02 -14.30
C SER B 52 -12.42 1.85 -13.03
N PRO B 53 -13.47 2.12 -12.23
CA PRO B 53 -13.28 2.84 -10.96
C PRO B 53 -12.40 2.08 -9.94
N ASP B 54 -12.32 0.76 -10.08
CA ASP B 54 -11.51 -0.07 -9.18
C ASP B 54 -10.18 -0.49 -9.80
N SER B 55 -9.73 0.28 -10.80
CA SER B 55 -8.50 -0.03 -11.51
C SER B 55 -7.30 0.42 -10.69
N PRO B 56 -6.12 -0.20 -10.93
CA PRO B 56 -4.91 0.21 -10.22
C PRO B 56 -4.63 1.70 -10.40
N GLU B 57 -4.92 2.22 -11.59
CA GLU B 57 -4.71 3.64 -11.89
C GLU B 57 -5.59 4.55 -11.03
N MET B 58 -6.88 4.24 -10.97
CA MET B 58 -7.81 5.05 -10.20
C MET B 58 -7.54 4.97 -8.69
N ARG B 59 -7.19 3.77 -8.22
CA ARG B 59 -6.80 3.57 -6.84
C ARG B 59 -5.55 4.37 -6.52
N ASP B 60 -4.57 4.31 -7.43
CA ASP B 60 -3.38 5.11 -7.30
C ASP B 60 -3.67 6.62 -7.38
N PHE B 61 -4.66 6.99 -8.20
CA PHE B 61 -5.05 8.41 -8.33
C PHE B 61 -5.58 8.93 -6.98
N ARG B 62 -6.52 8.21 -6.40
CA ARG B 62 -7.08 8.55 -5.08
C ARG B 62 -6.01 8.59 -4.00
N HIS B 63 -5.08 7.62 -4.06
CA HIS B 63 -3.98 7.51 -3.09
C HIS B 63 -3.12 8.76 -3.02
N GLY B 64 -2.80 9.34 -4.18
CA GLY B 64 -2.13 10.63 -4.26
C GLY B 64 -2.78 11.72 -3.39
N PHE B 65 -4.11 11.78 -3.40
CA PHE B 65 -4.82 12.75 -2.52
C PHE B 65 -4.77 12.40 -1.02
N ALA B 66 -4.81 11.12 -0.68
CA ALA B 66 -4.64 10.73 0.73
C ALA B 66 -3.26 11.21 1.22
N ILE B 67 -2.24 10.97 0.41
CA ILE B 67 -0.89 11.47 0.71
C ILE B 67 -0.85 13.00 0.84
N LEU B 68 -1.33 13.71 -0.19
CA LEU B 68 -1.31 15.16 -0.18
C LEU B 68 -2.03 15.75 1.04
N MET B 69 -3.22 15.25 1.35
CA MET B 69 -3.98 15.72 2.51
C MET B 69 -3.23 15.55 3.84
N GLY B 70 -2.56 14.40 4.01
CA GLY B 70 -1.72 14.12 5.17
C GLY B 70 -0.62 15.16 5.28
N GLN B 71 0.04 15.45 4.15
CA GLN B 71 1.11 16.44 4.11
C GLN B 71 0.60 17.87 4.40
N ILE B 72 -0.54 18.23 3.85
CA ILE B 72 -1.15 19.53 4.14
C ILE B 72 -1.52 19.64 5.64
N HIS B 73 -2.08 18.57 6.19
CA HIS B 73 -2.41 18.47 7.63
C HIS B 73 -1.19 18.85 8.50
N ASP B 74 -0.06 18.19 8.25
CA ASP B 74 1.21 18.44 8.96
C ASP B 74 1.66 19.89 8.85
N ALA B 75 1.61 20.43 7.63
CA ALA B 75 2.08 21.78 7.35
C ALA B 75 1.19 22.80 8.04
N ALA B 76 -0.10 22.50 8.12
CA ALA B 76 -1.05 23.41 8.74
C ALA B 76 -0.81 23.53 10.25
N HIS B 77 -0.37 22.44 10.88
CA HIS B 77 -0.02 22.51 12.29
C HIS B 77 1.14 23.49 12.55
N LEU B 78 2.19 23.41 11.73
CA LEU B 78 3.35 24.32 11.86
C LEU B 78 2.91 25.78 11.80
N ALA B 79 2.05 26.09 10.82
CA ALA B 79 1.48 27.42 10.70
C ALA B 79 0.69 27.79 11.95
N ASN B 80 -0.18 26.88 12.42
CA ASN B 80 -1.02 27.15 13.60
C ASN B 80 -0.16 27.37 14.84
N GLU B 81 0.98 26.69 14.88
CA GLU B 81 1.91 26.81 16.00
C GLU B 81 2.79 28.06 15.89
N GLY B 82 2.52 28.89 14.87
CA GLY B 82 3.23 30.13 14.65
C GLY B 82 4.58 30.03 13.96
N LYS B 83 4.87 28.89 13.34
CA LYS B 83 6.17 28.68 12.70
C LYS B 83 6.06 28.96 11.21
N VAL B 84 5.98 30.25 10.86
CA VAL B 84 5.71 30.67 9.49
C VAL B 84 6.74 30.10 8.48
N LYS B 85 8.03 30.21 8.78
CA LYS B 85 9.10 29.71 7.89
C LYS B 85 9.12 28.19 7.72
N GLU B 86 8.98 27.47 8.82
CA GLU B 86 8.82 26.01 8.73
C GLU B 86 7.57 25.63 7.94
N ALA B 87 6.48 26.38 8.10
CA ALA B 87 5.24 26.03 7.39
C ALA B 87 5.40 26.31 5.90
N GLN B 88 6.01 27.45 5.59
CA GLN B 88 6.31 27.80 4.18
C GLN B 88 7.17 26.76 3.47
N ALA B 89 8.21 26.29 4.15
CA ALA B 89 9.09 25.23 3.63
C ALA B 89 8.36 23.91 3.43
N ALA B 90 7.46 23.56 4.35
CA ALA B 90 6.67 22.34 4.21
C ALA B 90 5.71 22.43 3.01
N ALA B 91 5.15 23.62 2.79
CA ALA B 91 4.33 23.87 1.60
C ALA B 91 5.13 23.73 0.31
N GLU B 92 6.39 24.17 0.33
CA GLU B 92 7.33 23.96 -0.79
C GLU B 92 7.60 22.47 -1.07
N GLN B 93 7.77 21.68 -0.01
CA GLN B 93 7.92 20.21 -0.15
C GLN B 93 6.72 19.51 -0.81
N LEU B 94 5.52 20.10 -0.68
CA LEU B 94 4.28 19.54 -1.25
C LEU B 94 4.37 19.38 -2.76
N LYS B 95 5.12 20.27 -3.40
CA LYS B 95 5.34 20.21 -4.84
C LYS B 95 5.75 18.83 -5.37
N THR B 96 6.55 18.07 -4.60
CA THR B 96 6.97 16.72 -5.04
C THR B 96 5.77 15.78 -5.25
N THR B 97 4.77 15.90 -4.39
CA THR B 97 3.50 15.14 -4.53
C THR B 97 2.65 15.63 -5.69
N CYS B 98 2.44 16.96 -5.78
CA CYS B 98 1.85 17.55 -6.97
C CYS B 98 2.48 16.94 -8.23
N ASN B 99 3.79 17.12 -8.34
CA ASN B 99 4.54 16.69 -9.52
C ASN B 99 4.45 15.18 -9.81
N ALA B 100 4.51 14.34 -8.77
CA ALA B 100 4.45 12.87 -8.93
C ALA B 100 3.13 12.42 -9.58
N CYS B 101 2.01 12.94 -9.07
CA CYS B 101 0.71 12.63 -9.67
C CYS B 101 0.54 13.19 -11.09
N HIS B 102 0.96 14.43 -11.34
CA HIS B 102 0.84 15.01 -12.70
C HIS B 102 1.59 14.18 -13.76
N GLN B 103 2.76 13.67 -13.39
CA GLN B 103 3.59 12.84 -14.28
C GLN B 103 2.85 11.61 -14.79
N LYS B 104 2.05 11.01 -13.92
CA LYS B 104 1.25 9.83 -14.27
C LYS B 104 -0.09 10.15 -14.95
N TYR B 105 -0.83 11.14 -14.44
CA TYR B 105 -2.26 11.29 -14.81
C TYR B 105 -2.69 12.66 -15.37
N ARG B 106 -1.76 13.61 -15.47
CA ARG B 106 -2.07 14.85 -16.16
C ARG B 106 -1.46 14.80 -17.56
N ALA C 1 -22.51 15.23 -1.05
CA ALA C 1 -23.67 14.82 -0.20
C ALA C 1 -23.67 15.71 1.04
N ASP C 2 -24.81 15.81 1.73
CA ASP C 2 -24.89 16.53 3.02
C ASP C 2 -24.24 15.73 4.18
N LEU C 3 -24.05 16.37 5.33
CA LEU C 3 -23.33 15.75 6.44
C LEU C 3 -23.97 14.43 6.91
N GLU C 4 -25.30 14.43 7.03
CA GLU C 4 -26.07 13.25 7.47
C GLU C 4 -25.87 12.03 6.57
N ASP C 5 -25.97 12.23 5.26
CA ASP C 5 -25.72 11.14 4.29
C ASP C 5 -24.28 10.57 4.36
N ASN C 6 -23.30 11.46 4.53
CA ASN C 6 -21.93 11.02 4.69
C ASN C 6 -21.77 10.21 5.97
N MET C 7 -22.45 10.66 7.03
CA MET C 7 -22.44 9.93 8.29
C MET C 7 -23.07 8.53 8.16
N GLU C 8 -24.18 8.43 7.43
CA GLU C 8 -24.82 7.13 7.17
C GLU C 8 -23.89 6.18 6.39
N THR C 9 -23.23 6.73 5.38
CA THR C 9 -22.25 5.98 4.59
C THR C 9 -21.15 5.39 5.47
N LEU C 10 -20.62 6.20 6.41
CA LEU C 10 -19.60 5.75 7.34
C LEU C 10 -20.10 4.63 8.25
N ASN C 11 -21.31 4.77 8.76
CA ASN C 11 -21.89 3.75 9.62
C ASN C 11 -22.17 2.45 8.83
N ASP C 12 -22.79 2.60 7.66
CA ASP C 12 -23.19 1.46 6.83
C ASP C 12 -21.96 0.64 6.43
N ASN C 13 -20.88 1.33 6.09
CA ASN C 13 -19.69 0.64 5.60
C ASN C 13 -18.87 -0.03 6.68
N LEU C 14 -18.98 0.49 7.90
CA LEU C 14 -18.37 -0.14 9.07
C LEU C 14 -18.98 -1.53 9.28
N LYS C 15 -20.32 -1.62 9.21
CA LYS C 15 -21.01 -2.91 9.31
C LYS C 15 -20.65 -3.82 8.13
N VAL C 16 -20.48 -3.23 6.95
CA VAL C 16 -20.02 -3.96 5.76
C VAL C 16 -18.66 -4.62 6.02
N ILE C 17 -17.72 -3.84 6.56
CA ILE C 17 -16.39 -4.33 6.92
C ILE C 17 -16.47 -5.44 7.97
N GLU C 18 -17.31 -5.25 8.98
CA GLU C 18 -17.48 -6.22 10.06
C GLU C 18 -17.94 -7.61 9.57
N LYS C 19 -18.80 -7.61 8.55
CA LYS C 19 -19.41 -8.84 8.06
C LYS C 19 -18.77 -9.32 6.75
N ALA C 20 -17.66 -8.70 6.35
CA ALA C 20 -17.06 -8.98 5.04
C ALA C 20 -16.49 -10.40 4.91
N ASP C 21 -16.52 -10.91 3.68
CA ASP C 21 -15.92 -12.21 3.39
C ASP C 21 -14.43 -12.14 3.12
N ASN C 22 -13.98 -11.07 2.47
CA ASN C 22 -12.62 -11.04 1.98
C ASN C 22 -12.04 -9.63 2.01
N ALA C 23 -10.74 -9.57 1.73
CA ALA C 23 -9.97 -8.34 1.76
C ALA C 23 -10.48 -7.31 0.77
N ALA C 24 -10.82 -7.74 -0.45
CA ALA C 24 -11.34 -6.84 -1.49
C ALA C 24 -12.62 -6.07 -1.05
N GLN C 25 -13.54 -6.76 -0.37
CA GLN C 25 -14.78 -6.12 0.11
C GLN C 25 -14.51 -5.07 1.21
N VAL C 26 -13.59 -5.38 2.11
CA VAL C 26 -13.11 -4.42 3.12
C VAL C 26 -12.46 -3.19 2.46
N GLU C 27 -11.58 -3.44 1.48
CA GLU C 27 -10.92 -2.36 0.77
C GLU C 27 -11.91 -1.39 0.09
N LYS C 28 -12.91 -1.93 -0.60
CA LYS C 28 -13.94 -1.09 -1.25
C LYS C 28 -14.80 -0.32 -0.25
N ALA C 29 -15.16 -0.97 0.86
CA ALA C 29 -15.87 -0.29 1.96
C ALA C 29 -15.06 0.87 2.54
N LEU C 30 -13.76 0.64 2.74
CA LEU C 30 -12.90 1.66 3.33
C LEU C 30 -12.72 2.83 2.38
N GLU C 31 -12.57 2.53 1.10
CA GLU C 31 -12.56 3.54 0.04
C GLU C 31 -13.83 4.39 0.07
N LYS C 32 -14.99 3.75 0.25
CA LYS C 32 -16.26 4.49 0.41
C LYS C 32 -16.24 5.37 1.67
N MET C 33 -15.65 4.86 2.75
CA MET C 33 -15.53 5.66 3.99
C MET C 33 -14.59 6.87 3.83
N LEU C 34 -13.49 6.70 3.10
CA LEU C 34 -12.58 7.83 2.87
C LEU C 34 -13.25 8.95 2.04
N ALA C 35 -14.01 8.56 1.02
CA ALA C 35 -14.76 9.53 0.22
C ALA C 35 -15.82 10.29 1.07
N ALA C 36 -16.51 9.57 1.93
CA ALA C 36 -17.55 10.15 2.79
C ALA C 36 -16.97 11.15 3.80
N ALA C 37 -15.79 10.84 4.34
CA ALA C 37 -15.11 11.68 5.30
C ALA C 37 -14.59 12.94 4.60
N ALA C 38 -14.03 12.77 3.40
CA ALA C 38 -13.56 13.90 2.59
C ALA C 38 -14.67 14.86 2.23
N ASP C 39 -15.83 14.32 1.88
CA ASP C 39 -16.99 15.12 1.50
C ASP C 39 -17.59 15.83 2.71
N ALA C 40 -17.47 15.24 3.90
CA ALA C 40 -18.00 15.82 5.15
C ALA C 40 -17.18 17.00 5.65
N LEU C 41 -15.94 17.10 5.18
CA LEU C 41 -15.00 18.10 5.66
C LEU C 41 -15.53 19.53 5.60
N LYS C 42 -16.23 19.84 4.52
CA LYS C 42 -16.72 21.18 4.22
C LYS C 42 -17.99 21.58 4.98
N ALA C 43 -18.63 20.62 5.65
CA ALA C 43 -19.94 20.85 6.24
C ALA C 43 -19.94 21.73 7.50
N THR C 44 -21.02 22.47 7.72
CA THR C 44 -21.20 23.10 9.01
C THR C 44 -22.26 22.32 9.75
N PRO C 45 -21.89 21.70 10.89
CA PRO C 45 -22.85 20.93 11.67
C PRO C 45 -23.82 21.85 12.40
N PRO C 46 -25.05 21.34 12.67
CA PRO C 46 -26.05 22.13 13.39
C PRO C 46 -25.51 22.85 14.62
N LYS C 47 -24.75 22.15 15.47
CA LYS C 47 -24.29 22.72 16.73
C LYS C 47 -23.31 23.89 16.58
N LEU C 48 -22.65 23.99 15.44
CA LEU C 48 -21.65 25.03 15.21
C LEU C 48 -22.10 26.08 14.19
N GLU C 49 -23.41 26.08 13.90
CA GLU C 49 -23.99 26.94 12.89
C GLU C 49 -23.76 28.42 13.17
N ASP C 50 -23.71 28.78 14.46
CA ASP C 50 -23.55 30.17 14.88
C ASP C 50 -22.09 30.62 15.00
N LYS C 51 -21.15 29.68 14.87
CA LYS C 51 -19.73 29.98 15.06
C LYS C 51 -19.05 30.45 13.78
N SER C 52 -17.99 31.24 13.93
CA SER C 52 -17.14 31.65 12.82
C SER C 52 -16.60 30.41 12.07
N PRO C 53 -16.41 30.53 10.74
CA PRO C 53 -15.81 29.42 9.98
C PRO C 53 -14.42 29.10 10.54
N ASP C 54 -13.74 30.11 11.08
CA ASP C 54 -12.42 29.92 11.67
C ASP C 54 -12.41 29.85 13.20
N SER C 55 -13.58 29.62 13.81
CA SER C 55 -13.67 29.36 15.25
C SER C 55 -12.87 28.10 15.64
N PRO C 56 -12.29 28.09 16.86
CA PRO C 56 -11.59 26.91 17.36
C PRO C 56 -12.42 25.63 17.23
N GLU C 57 -13.72 25.74 17.50
CA GLU C 57 -14.65 24.61 17.37
C GLU C 57 -14.70 24.08 15.94
N MET C 58 -14.87 24.98 14.98
CA MET C 58 -14.89 24.65 13.55
C MET C 58 -13.56 24.06 13.07
N ARG C 59 -12.45 24.65 13.51
CA ARG C 59 -11.13 24.08 13.24
C ARG C 59 -11.00 22.68 13.85
N ASP C 60 -11.48 22.52 15.08
CA ASP C 60 -11.42 21.22 15.75
C ASP C 60 -12.33 20.21 15.09
N PHE C 61 -13.49 20.67 14.60
CA PHE C 61 -14.41 19.84 13.82
C PHE C 61 -13.71 19.29 12.57
N ARG C 62 -13.14 20.18 11.77
CA ARG C 62 -12.43 19.78 10.56
C ARG C 62 -11.22 18.87 10.85
N HIS C 63 -10.50 19.17 11.94
CA HIS C 63 -9.34 18.36 12.36
C HIS C 63 -9.69 16.89 12.64
N GLY C 64 -10.92 16.67 13.14
CA GLY C 64 -11.44 15.32 13.41
C GLY C 64 -11.50 14.49 12.12
N PHE C 65 -11.79 15.14 11.00
CA PHE C 65 -11.83 14.46 9.70
C PHE C 65 -10.43 14.21 9.16
N ALA C 66 -9.47 15.07 9.48
CA ALA C 66 -8.08 14.81 9.09
C ALA C 66 -7.60 13.55 9.79
N ILE C 67 -7.91 13.45 11.08
CA ILE C 67 -7.56 12.27 11.83
C ILE C 67 -8.20 11.03 11.20
N LEU C 68 -9.52 11.08 11.03
CA LEU C 68 -10.28 9.94 10.54
C LEU C 68 -9.77 9.48 9.19
N MET C 69 -9.49 10.45 8.30
CA MET C 69 -9.07 10.12 6.95
C MET C 69 -7.74 9.38 6.97
N GLY C 70 -6.85 9.80 7.87
CA GLY C 70 -5.55 9.17 8.06
C GLY C 70 -5.66 7.73 8.55
N GLN C 71 -6.56 7.51 9.50
CA GLN C 71 -6.80 6.17 10.02
C GLN C 71 -7.44 5.22 8.98
N ILE C 72 -8.38 5.75 8.21
CA ILE C 72 -8.97 5.02 7.08
C ILE C 72 -7.90 4.63 6.03
N HIS C 73 -7.10 5.62 5.63
CA HIS C 73 -5.98 5.41 4.71
C HIS C 73 -5.09 4.26 5.19
N ASP C 74 -4.70 4.28 6.47
CA ASP C 74 -3.84 3.21 7.02
C ASP C 74 -4.55 1.87 6.98
N ALA C 75 -5.83 1.86 7.32
CA ALA C 75 -6.64 0.64 7.31
C ALA C 75 -6.79 0.10 5.88
N ALA C 76 -6.95 1.00 4.92
CA ALA C 76 -7.12 0.57 3.52
C ALA C 76 -5.86 -0.09 2.99
N HIS C 77 -4.68 0.33 3.46
CA HIS C 77 -3.46 -0.38 3.07
C HIS C 77 -3.47 -1.85 3.53
N LEU C 78 -3.90 -2.09 4.78
CA LEU C 78 -3.97 -3.48 5.31
C LEU C 78 -4.88 -4.40 4.48
N ALA C 79 -6.05 -3.89 4.09
CA ALA C 79 -6.97 -4.64 3.21
C ALA C 79 -6.39 -4.87 1.82
N ASN C 80 -5.81 -3.82 1.22
CA ASN C 80 -5.13 -3.91 -0.08
C ASN C 80 -3.99 -4.95 -0.11
N GLU C 81 -3.35 -5.17 1.04
CA GLU C 81 -2.30 -6.20 1.19
C GLU C 81 -2.87 -7.57 1.54
N GLY C 82 -4.21 -7.69 1.52
CA GLY C 82 -4.86 -8.97 1.79
C GLY C 82 -4.99 -9.40 3.25
N LYS C 83 -4.73 -8.46 4.17
CA LYS C 83 -4.80 -8.75 5.62
C LYS C 83 -6.18 -8.40 6.13
N VAL C 84 -7.13 -9.30 5.89
CA VAL C 84 -8.54 -9.06 6.21
C VAL C 84 -8.80 -8.87 7.72
N LYS C 85 -8.19 -9.69 8.58
CA LYS C 85 -8.43 -9.56 10.02
C LYS C 85 -7.80 -8.30 10.63
N GLU C 86 -6.58 -7.97 10.21
CA GLU C 86 -5.94 -6.72 10.66
C GLU C 86 -6.75 -5.50 10.19
N ALA C 87 -7.20 -5.52 8.93
CA ALA C 87 -8.00 -4.42 8.36
C ALA C 87 -9.33 -4.22 9.12
N GLN C 88 -9.99 -5.33 9.45
CA GLN C 88 -11.22 -5.33 10.28
C GLN C 88 -10.99 -4.80 11.70
N ALA C 89 -9.86 -5.16 12.31
CA ALA C 89 -9.53 -4.65 13.65
C ALA C 89 -9.22 -3.14 13.62
N ALA C 90 -8.58 -2.68 12.54
CA ALA C 90 -8.30 -1.26 12.38
C ALA C 90 -9.60 -0.46 12.18
N ALA C 91 -10.53 -1.02 11.41
CA ALA C 91 -11.84 -0.38 11.22
C ALA C 91 -12.57 -0.25 12.54
N GLU C 92 -12.51 -1.31 13.34
CA GLU C 92 -13.13 -1.32 14.64
C GLU C 92 -12.54 -0.21 15.53
N GLN C 93 -11.24 0.01 15.42
CA GLN C 93 -10.60 1.04 16.23
C GLN C 93 -10.95 2.47 15.79
N LEU C 94 -11.50 2.62 14.58
CA LEU C 94 -11.97 3.92 14.07
C LEU C 94 -13.05 4.49 14.94
N LYS C 95 -13.81 3.60 15.58
CA LYS C 95 -14.95 3.99 16.40
C LYS C 95 -14.56 4.99 17.48
N THR C 96 -13.31 4.96 17.91
CA THR C 96 -12.87 5.88 18.96
C THR C 96 -12.87 7.32 18.48
N THR C 97 -12.50 7.49 17.21
CA THR C 97 -12.48 8.77 16.52
C THR C 97 -13.89 9.25 16.24
N CYS C 98 -14.74 8.35 15.71
CA CYS C 98 -16.16 8.65 15.55
C CYS C 98 -16.73 9.18 16.85
N ASN C 99 -16.50 8.45 17.94
CA ASN C 99 -17.08 8.78 19.27
C ASN C 99 -16.59 10.10 19.85
N ALA C 100 -15.29 10.37 19.71
CA ALA C 100 -14.68 11.60 20.20
C ALA C 100 -15.33 12.83 19.58
N CYS C 101 -15.51 12.83 18.27
CA CYS C 101 -16.13 13.97 17.59
C CYS C 101 -17.59 14.09 18.02
N HIS C 102 -18.29 12.96 18.08
CA HIS C 102 -19.72 12.97 18.44
C HIS C 102 -19.95 13.55 19.84
N GLN C 103 -19.10 13.18 20.80
CA GLN C 103 -19.16 13.71 22.17
C GLN C 103 -19.15 15.24 22.17
N LYS C 104 -18.33 15.80 21.27
CA LYS C 104 -18.17 17.24 21.16
C LYS C 104 -19.26 17.93 20.33
N TYR C 105 -19.60 17.37 19.16
CA TYR C 105 -20.29 18.15 18.12
C TYR C 105 -21.58 17.57 17.52
N ARG C 106 -21.94 16.35 17.91
CA ARG C 106 -23.14 15.68 17.38
C ARG C 106 -24.43 16.11 18.13
N ALA D 1 17.00 -15.54 -15.35
CA ALA D 1 18.45 -15.26 -15.14
C ALA D 1 19.04 -16.21 -14.09
N ASP D 2 20.37 -16.39 -14.12
CA ASP D 2 21.05 -17.23 -13.15
C ASP D 2 21.27 -16.50 -11.82
N LEU D 3 21.83 -17.20 -10.84
CA LEU D 3 21.99 -16.65 -9.50
C LEU D 3 22.88 -15.38 -9.45
N GLU D 4 24.01 -15.41 -10.15
CA GLU D 4 24.95 -14.27 -10.16
C GLU D 4 24.40 -13.02 -10.85
N ASP D 5 23.74 -13.20 -12.00
CA ASP D 5 23.10 -12.09 -12.69
C ASP D 5 22.01 -11.43 -11.81
N ASN D 6 21.24 -12.23 -11.07
CA ASN D 6 20.26 -11.70 -10.10
C ASN D 6 20.90 -10.98 -8.91
N MET D 7 22.03 -11.50 -8.44
CA MET D 7 22.81 -10.85 -7.39
C MET D 7 23.32 -9.48 -7.88
N GLU D 8 23.79 -9.45 -9.12
CA GLU D 8 24.18 -8.20 -9.78
C GLU D 8 23.02 -7.21 -9.79
N THR D 9 21.82 -7.68 -10.14
CA THR D 9 20.62 -6.84 -10.15
C THR D 9 20.31 -6.29 -8.74
N LEU D 10 20.37 -7.17 -7.73
CA LEU D 10 20.21 -6.73 -6.35
C LEU D 10 21.19 -5.63 -5.96
N ASN D 11 22.47 -5.88 -6.21
CA ASN D 11 23.54 -4.96 -5.88
C ASN D 11 23.46 -3.61 -6.61
N ASP D 12 23.28 -3.65 -7.93
CA ASP D 12 23.16 -2.41 -8.72
C ASP D 12 22.02 -1.55 -8.17
N ASN D 13 20.87 -2.17 -7.91
CA ASN D 13 19.68 -1.40 -7.51
C ASN D 13 19.78 -0.80 -6.10
N LEU D 14 20.53 -1.44 -5.23
CA LEU D 14 20.78 -0.91 -3.90
C LEU D 14 21.54 0.43 -4.01
N LYS D 15 22.53 0.44 -4.91
CA LYS D 15 23.29 1.65 -5.23
C LYS D 15 22.38 2.74 -5.82
N VAL D 16 21.47 2.34 -6.71
CA VAL D 16 20.49 3.26 -7.27
C VAL D 16 19.64 3.89 -6.15
N ILE D 17 19.15 3.07 -5.24
CA ILE D 17 18.36 3.58 -4.10
C ILE D 17 19.16 4.61 -3.26
N GLU D 18 20.43 4.30 -3.02
CA GLU D 18 21.28 5.18 -2.20
C GLU D 18 21.45 6.55 -2.85
N LYS D 19 21.48 6.58 -4.18
CA LYS D 19 21.72 7.83 -4.91
C LYS D 19 20.43 8.42 -5.50
N ALA D 20 19.27 7.86 -5.16
CA ALA D 20 18.00 8.27 -5.79
C ALA D 20 17.53 9.66 -5.40
N ASP D 21 16.87 10.35 -6.33
CA ASP D 21 16.49 11.76 -6.15
C ASP D 21 15.01 11.91 -5.71
N ASN D 22 14.19 10.89 -5.93
CA ASN D 22 12.76 10.93 -5.55
C ASN D 22 12.21 9.56 -5.23
N ALA D 23 11.00 9.54 -4.66
CA ALA D 23 10.38 8.30 -4.16
C ALA D 23 10.04 7.33 -5.27
N ALA D 24 9.59 7.84 -6.40
CA ALA D 24 9.24 6.99 -7.55
C ALA D 24 10.42 6.13 -8.04
N GLN D 25 11.61 6.74 -8.13
CA GLN D 25 12.88 6.04 -8.47
C GLN D 25 13.19 4.94 -7.45
N VAL D 26 13.05 5.29 -6.17
CA VAL D 26 13.27 4.32 -5.10
C VAL D 26 12.29 3.15 -5.25
N GLU D 27 11.01 3.47 -5.36
CA GLU D 27 9.98 2.46 -5.51
C GLU D 27 10.26 1.49 -6.69
N LYS D 28 10.58 2.03 -7.86
CA LYS D 28 10.89 1.19 -9.03
C LYS D 28 12.15 0.32 -8.86
N ALA D 29 13.20 0.87 -8.24
CA ALA D 29 14.42 0.10 -7.92
C ALA D 29 14.11 -1.06 -6.97
N LEU D 30 13.29 -0.80 -5.95
CA LEU D 30 12.81 -1.84 -5.04
C LEU D 30 11.99 -2.94 -5.75
N GLU D 31 11.11 -2.55 -6.68
CA GLU D 31 10.32 -3.52 -7.43
C GLU D 31 11.19 -4.47 -8.25
N LYS D 32 12.26 -3.94 -8.82
CA LYS D 32 13.24 -4.70 -9.60
C LYS D 32 14.05 -5.61 -8.68
N MET D 33 14.39 -5.14 -7.48
CA MET D 33 15.01 -6.01 -6.48
C MET D 33 14.11 -7.17 -6.10
N LEU D 34 12.83 -6.88 -5.90
CA LEU D 34 11.91 -7.93 -5.47
C LEU D 34 11.84 -8.98 -6.59
N ALA D 35 11.75 -8.55 -7.86
CA ALA D 35 11.76 -9.50 -9.01
C ALA D 35 13.04 -10.37 -9.10
N ALA D 36 14.20 -9.77 -8.83
CA ALA D 36 15.48 -10.48 -8.87
C ALA D 36 15.59 -11.50 -7.75
N ALA D 37 15.12 -11.12 -6.55
CA ALA D 37 15.12 -12.04 -5.42
C ALA D 37 14.17 -13.23 -5.68
N ALA D 38 13.00 -12.96 -6.28
CA ALA D 38 12.06 -14.02 -6.68
C ALA D 38 12.66 -15.02 -7.67
N ASP D 39 13.46 -14.51 -8.60
CA ASP D 39 14.03 -15.33 -9.67
C ASP D 39 15.22 -16.11 -9.15
N ALA D 40 15.90 -15.55 -8.13
CA ALA D 40 17.05 -16.21 -7.50
C ALA D 40 16.64 -17.38 -6.63
N LEU D 41 15.42 -17.33 -6.11
CA LEU D 41 14.93 -18.35 -5.17
C LEU D 41 15.08 -19.78 -5.67
N LYS D 42 14.87 -20.00 -6.98
CA LYS D 42 15.00 -21.33 -7.62
C LYS D 42 16.43 -21.86 -7.65
N ALA D 43 17.41 -21.02 -7.38
CA ALA D 43 18.80 -21.42 -7.67
C ALA D 43 19.36 -22.41 -6.66
N THR D 44 20.30 -23.22 -7.14
CA THR D 44 21.13 -24.04 -6.29
C THR D 44 22.54 -23.44 -6.29
N PRO D 45 22.97 -22.91 -5.14
CA PRO D 45 24.27 -22.23 -5.14
C PRO D 45 25.41 -23.25 -5.12
N PRO D 46 26.58 -22.87 -5.69
CA PRO D 46 27.69 -23.82 -5.83
C PRO D 46 28.06 -24.53 -4.53
N LYS D 47 28.07 -23.80 -3.41
CA LYS D 47 28.42 -24.34 -2.09
C LYS D 47 27.47 -25.43 -1.61
N LEU D 48 26.26 -25.49 -2.17
CA LEU D 48 25.29 -26.50 -1.76
C LEU D 48 24.92 -27.45 -2.88
N GLU D 49 25.77 -27.53 -3.89
CA GLU D 49 25.56 -28.36 -5.08
C GLU D 49 25.39 -29.87 -4.79
N ASP D 50 25.97 -30.33 -3.69
CA ASP D 50 26.00 -31.75 -3.37
C ASP D 50 24.97 -32.14 -2.32
N LYS D 51 24.26 -31.14 -1.79
CA LYS D 51 23.23 -31.41 -0.80
C LYS D 51 21.94 -31.80 -1.49
N SER D 52 21.02 -32.41 -0.74
CA SER D 52 19.67 -32.72 -1.22
C SER D 52 18.92 -31.41 -1.58
N PRO D 53 18.03 -31.46 -2.59
CA PRO D 53 17.22 -30.28 -2.90
C PRO D 53 16.36 -29.90 -1.69
N ASP D 54 16.07 -30.87 -0.82
CA ASP D 54 15.25 -30.68 0.39
C ASP D 54 16.03 -30.73 1.70
N SER D 55 17.35 -30.53 1.62
CA SER D 55 18.22 -30.44 2.80
C SER D 55 17.92 -29.18 3.63
N PRO D 56 18.21 -29.22 4.96
CA PRO D 56 18.05 -28.01 5.78
C PRO D 56 18.77 -26.80 5.20
N GLU D 57 19.90 -27.03 4.52
CA GLU D 57 20.64 -25.95 3.88
C GLU D 57 19.85 -25.30 2.75
N MET D 58 19.33 -26.12 1.83
CA MET D 58 18.60 -25.58 0.67
C MET D 58 17.29 -24.89 1.05
N ARG D 59 16.67 -25.38 2.12
CA ARG D 59 15.45 -24.77 2.64
C ARG D 59 15.77 -23.47 3.38
N ASP D 60 16.89 -23.45 4.09
CA ASP D 60 17.33 -22.25 4.77
C ASP D 60 17.69 -21.18 3.73
N PHE D 61 18.27 -21.61 2.61
CA PHE D 61 18.63 -20.76 1.47
C PHE D 61 17.38 -20.09 0.87
N ARG D 62 16.37 -20.90 0.56
CA ARG D 62 15.11 -20.38 0.01
C ARG D 62 14.40 -19.47 1.01
N HIS D 63 14.50 -19.82 2.30
CA HIS D 63 13.92 -18.99 3.34
C HIS D 63 14.57 -17.61 3.40
N GLY D 64 15.89 -17.56 3.18
CA GLY D 64 16.60 -16.28 3.06
C GLY D 64 15.93 -15.37 2.03
N PHE D 65 15.50 -15.93 0.90
CA PHE D 65 14.82 -15.10 -0.12
C PHE D 65 13.41 -14.67 0.23
N ALA D 66 12.68 -15.54 0.94
CA ALA D 66 11.36 -15.19 1.46
C ALA D 66 11.46 -13.97 2.40
N ILE D 67 12.44 -14.01 3.31
CA ILE D 67 12.70 -12.89 4.21
C ILE D 67 13.11 -11.64 3.43
N LEU D 68 14.07 -11.77 2.52
CA LEU D 68 14.53 -10.62 1.74
C LEU D 68 13.39 -9.97 0.97
N MET D 69 12.55 -10.79 0.32
CA MET D 69 11.40 -10.28 -0.46
C MET D 69 10.39 -9.52 0.41
N GLY D 70 10.13 -10.03 1.61
CA GLY D 70 9.26 -9.34 2.56
C GLY D 70 9.80 -7.97 2.97
N GLN D 71 11.10 -7.89 3.24
CA GLN D 71 11.73 -6.62 3.58
C GLN D 71 11.68 -5.65 2.40
N ILE D 72 11.96 -6.17 1.20
CA ILE D 72 11.93 -5.34 -0.03
C ILE D 72 10.55 -4.75 -0.25
N HIS D 73 9.55 -5.62 -0.12
CA HIS D 73 8.11 -5.28 -0.16
C HIS D 73 7.77 -4.15 0.81
N ASP D 74 8.11 -4.31 2.08
CA ASP D 74 7.81 -3.28 3.07
C ASP D 74 8.45 -1.95 2.69
N ALA D 75 9.69 -2.01 2.19
CA ALA D 75 10.41 -0.79 1.82
C ALA D 75 9.75 -0.09 0.62
N ALA D 76 9.26 -0.88 -0.32
CA ALA D 76 8.54 -0.37 -1.51
C ALA D 76 7.29 0.40 -1.11
N HIS D 77 6.60 -0.08 -0.09
CA HIS D 77 5.43 0.65 0.37
C HIS D 77 5.78 1.97 1.03
N LEU D 78 6.88 2.03 1.78
CA LEU D 78 7.38 3.31 2.28
C LEU D 78 7.61 4.30 1.12
N ALA D 79 8.24 3.84 0.04
CA ALA D 79 8.48 4.71 -1.13
C ALA D 79 7.18 5.16 -1.80
N ASN D 80 6.24 4.22 -1.89
CA ASN D 80 4.87 4.47 -2.40
C ASN D 80 4.14 5.56 -1.58
N GLU D 81 4.47 5.66 -0.29
CA GLU D 81 3.93 6.74 0.55
C GLU D 81 4.61 8.07 0.34
N GLY D 82 5.65 8.09 -0.49
CA GLY D 82 6.47 9.27 -0.71
C GLY D 82 7.54 9.46 0.36
N LYS D 83 7.78 8.45 1.19
CA LYS D 83 8.69 8.59 2.34
C LYS D 83 10.10 8.15 1.92
N VAL D 84 10.78 9.03 1.19
CA VAL D 84 12.02 8.66 0.52
C VAL D 84 13.17 8.31 1.48
N LYS D 85 13.37 9.11 2.53
CA LYS D 85 14.44 8.84 3.49
C LYS D 85 14.19 7.54 4.26
N GLU D 86 12.95 7.35 4.69
CA GLU D 86 12.54 6.09 5.34
C GLU D 86 12.78 4.85 4.48
N ALA D 87 12.43 4.94 3.21
CA ALA D 87 12.60 3.81 2.29
C ALA D 87 14.10 3.56 2.03
N GLN D 88 14.89 4.63 1.98
CA GLN D 88 16.34 4.51 1.85
C GLN D 88 16.95 3.81 3.06
N ALA D 89 16.50 4.21 4.25
CA ALA D 89 16.97 3.59 5.48
C ALA D 89 16.59 2.12 5.53
N ALA D 90 15.35 1.81 5.16
CA ALA D 90 14.90 0.42 5.09
C ALA D 90 15.77 -0.42 4.12
N ALA D 91 16.07 0.14 2.96
CA ALA D 91 16.90 -0.54 1.95
C ALA D 91 18.29 -0.86 2.48
N GLU D 92 18.78 0.00 3.37
CA GLU D 92 20.09 -0.15 3.97
C GLU D 92 20.08 -1.30 4.96
N GLN D 93 18.99 -1.43 5.71
CA GLN D 93 18.80 -2.57 6.61
C GLN D 93 18.79 -3.90 5.87
N LEU D 94 18.36 -3.91 4.61
CA LEU D 94 18.41 -5.10 3.75
C LEU D 94 19.78 -5.80 3.77
N LYS D 95 20.85 -5.00 3.85
CA LYS D 95 22.23 -5.48 3.78
C LYS D 95 22.55 -6.53 4.86
N THR D 96 21.91 -6.43 6.02
CA THR D 96 22.07 -7.46 7.07
C THR D 96 21.59 -8.85 6.61
N THR D 97 20.49 -8.87 5.85
CA THR D 97 20.00 -10.11 5.22
C THR D 97 20.91 -10.61 4.09
N CYS D 98 21.35 -9.70 3.20
CA CYS D 98 22.37 -10.03 2.20
C CYS D 98 23.53 -10.75 2.89
N ASN D 99 24.03 -10.12 3.96
CA ASN D 99 25.27 -10.56 4.61
C ASN D 99 25.10 -11.88 5.32
N ALA D 100 23.93 -12.10 5.92
CA ALA D 100 23.66 -13.35 6.65
C ALA D 100 23.72 -14.54 5.69
N CYS D 101 23.05 -14.42 4.55
CA CYS D 101 23.11 -15.49 3.56
C CYS D 101 24.52 -15.73 2.99
N HIS D 102 25.22 -14.63 2.68
CA HIS D 102 26.57 -14.72 2.10
C HIS D 102 27.53 -15.41 3.07
N GLN D 103 27.49 -15.02 4.33
CA GLN D 103 28.36 -15.62 5.36
C GLN D 103 28.18 -17.13 5.45
N LYS D 104 26.99 -17.62 5.15
CA LYS D 104 26.69 -19.05 5.24
C LYS D 104 26.95 -19.79 3.92
N TYR D 105 26.52 -19.20 2.82
CA TYR D 105 26.41 -19.92 1.55
C TYR D 105 27.24 -19.37 0.38
N ARG D 106 27.83 -18.19 0.57
CA ARG D 106 28.73 -17.64 -0.43
C ARG D 106 30.14 -18.12 -0.17
CHA HEM E . -4.45 -19.52 -14.18
CHB HEM E . -4.56 -21.60 -9.82
CHC HEM E . -3.03 -17.44 -7.84
CHD HEM E . -2.80 -15.35 -12.19
C1A HEM E . -4.58 -20.48 -13.20
C2A HEM E . -4.88 -21.89 -13.37
C3A HEM E . -4.92 -22.46 -12.16
C4A HEM E . -4.62 -21.42 -11.18
CMA HEM E . -5.20 -23.93 -11.83
CAA HEM E . -5.11 -22.61 -14.74
CBA HEM E . -3.84 -22.46 -15.56
CGA HEM E . -3.18 -23.79 -15.83
O1A HEM E . -2.34 -24.21 -15.01
O2A HEM E . -3.48 -24.41 -16.90
C1B HEM E . -4.16 -20.66 -8.89
C2B HEM E . -4.09 -20.87 -7.46
C3B HEM E . -3.65 -19.72 -6.91
C4B HEM E . -3.45 -18.75 -7.99
CMB HEM E . -4.46 -22.19 -6.73
CAB HEM E . -3.41 -19.43 -5.40
CBB HEM E . -2.60 -20.21 -4.65
C1C HEM E . -2.82 -16.49 -8.83
C2C HEM E . -2.36 -15.11 -8.62
C3C HEM E . -2.28 -14.52 -9.83
C4C HEM E . -2.71 -15.51 -10.83
CMC HEM E . -2.04 -14.50 -7.24
CAC HEM E . -1.81 -13.07 -10.14
CBC HEM E . -1.11 -12.34 -9.23
C1D HEM E . -3.23 -16.27 -13.13
C2D HEM E . -3.34 -16.01 -14.55
C3D HEM E . -3.85 -17.31 -15.17
C4D HEM E . -3.99 -18.22 -14.06
CMD HEM E . -3.01 -14.68 -15.27
CAD HEM E . -4.13 -17.62 -16.66
CBD HEM E . -2.82 -18.16 -17.21
CGD HEM E . -2.90 -18.44 -18.70
O1D HEM E . -4.03 -18.37 -19.27
O2D HEM E . -1.84 -18.71 -19.32
NA HEM E . -4.43 -20.24 -11.85
NB HEM E . -3.78 -19.36 -9.17
NC HEM E . -3.02 -16.67 -10.17
ND HEM E . -3.63 -17.58 -12.88
FE HEM E . -3.71 -18.47 -11.02
ZN ZN F . 10.08 -16.92 7.63
CA CA G . -4.08 -37.90 3.91
CHA HEM H . -4.04 19.79 -12.96
CHB HEM H . -1.71 22.28 -9.59
CHC HEM H . -1.68 18.13 -7.07
CHD HEM H . -3.85 15.54 -10.46
C1A HEM H . -3.44 20.83 -12.31
C2A HEM H . -3.36 22.20 -12.78
C3A HEM H . -2.71 22.91 -11.85
C4A HEM H . -2.36 21.99 -10.75
CMA HEM H . -2.37 24.42 -11.89
CAA HEM H . -3.92 22.75 -14.13
CBA HEM H . -5.43 22.94 -14.00
CGA HEM H . -5.97 23.53 -15.31
O1A HEM H . -5.67 24.71 -15.64
O2A HEM H . -6.69 22.81 -16.05
C1B HEM H . -1.50 21.34 -8.60
C2B HEM H . -0.82 21.57 -7.36
C3B HEM H . -0.81 20.43 -6.68
C4B HEM H . -1.50 19.43 -7.48
CMB HEM H . -0.20 22.93 -6.94
CAB HEM H . -0.19 20.16 -5.27
CBB HEM H . -0.28 21.03 -4.25
C1C HEM H . -2.23 17.06 -7.72
C2C HEM H . -2.31 15.68 -7.21
C3C HEM H . -2.94 14.95 -8.16
C4C HEM H . -3.24 15.84 -9.27
CMC HEM H . -1.76 15.23 -5.83
CAC HEM H . -3.28 13.45 -8.16
CBC HEM H . -3.28 12.70 -7.04
C1D HEM H . -4.08 16.48 -11.45
C2D HEM H . -4.71 16.17 -12.71
C3D HEM H . -4.79 17.49 -13.47
C4D HEM H . -4.17 18.46 -12.59
CMD HEM H . -5.24 14.81 -13.18
CAD HEM H . -5.40 17.64 -14.89
CBD HEM H . -5.88 19.07 -15.17
CGD HEM H . -7.33 19.23 -14.79
O1D HEM H . -8.20 18.91 -15.65
O2D HEM H . -7.58 19.67 -13.64
NA HEM H . -2.85 20.75 -11.08
NB HEM H . -1.91 20.01 -8.67
NC HEM H . -2.80 17.08 -8.96
ND HEM H . -3.75 17.85 -11.38
FE HEM H . -2.82 18.89 -10.04
ZN ZN I . -3.50 17.18 13.52
CA CA J . -11.81 28.43 -12.25
CHA HEM K . -23.82 12.13 13.02
CHB HEM K . -21.67 7.81 12.39
CHC HEM K . -17.39 10.10 12.50
CHD HEM K . -19.47 14.38 13.31
C1A HEM K . -23.64 10.77 12.84
C2A HEM K . -24.68 9.74 12.75
C3A HEM K . -24.08 8.56 12.57
C4A HEM K . -22.64 8.78 12.54
CMA HEM K . -24.78 7.19 12.42
CAA HEM K . -26.22 9.94 12.82
CBA HEM K . -26.66 11.24 12.16
CGA HEM K . -27.38 10.92 10.88
O1A HEM K . -26.67 10.85 9.84
O2A HEM K . -28.64 10.74 10.91
C1B HEM K . -20.31 8.04 12.36
C2B HEM K . -19.25 7.04 12.28
C3B HEM K . -18.08 7.70 12.30
C4B HEM K . -18.35 9.12 12.42
CMB HEM K . -19.48 5.51 12.15
CAB HEM K . -16.64 7.10 12.23
CBB HEM K . -16.27 6.23 11.27
C1C HEM K . -17.55 11.45 12.75
C2C HEM K . -16.48 12.42 12.92
C3C HEM K . -17.05 13.63 13.14
C4C HEM K . -18.49 13.43 13.13
CMC HEM K . -14.98 12.04 12.83
CAC HEM K . -16.41 15.02 13.37
CBC HEM K . -15.13 15.28 13.03
C1D HEM K . -20.84 14.19 13.29
C2D HEM K . -21.84 15.24 13.42
C3D HEM K . -23.19 14.53 13.33
C4D HEM K . -22.88 13.13 13.15
CMD HEM K . -21.57 16.74 13.62
CAD HEM K . -24.59 15.22 13.41
CBD HEM K . -25.28 15.19 12.05
CGD HEM K . -26.54 16.01 12.07
O1D HEM K . -26.83 16.69 11.05
O2D HEM K . -27.27 16.01 13.11
NA HEM K . -22.44 10.12 12.71
NB HEM K . -19.72 9.30 12.47
NC HEM K . -18.73 12.10 12.89
ND HEM K . -21.49 12.96 13.13
FE HEM K . -20.58 11.13 12.82
ZN ZN L . -0.68 5.17 1.52
CHA HEM M . 26.66 -13.49 -4.63
CHB HEM M . 24.84 -9.10 -3.63
CHC HEM M . 21.32 -11.23 -1.03
CHD HEM M . 23.26 -15.61 -1.76
C1A HEM M . 26.49 -12.12 -4.63
C2A HEM M . 27.29 -11.14 -5.34
C3A HEM M . 26.78 -9.93 -5.08
C4A HEM M . 25.65 -10.09 -4.17
CMA HEM M . 27.31 -8.58 -5.63
CAA HEM M . 28.48 -11.47 -6.30
CBA HEM M . 27.83 -12.28 -7.43
CGA HEM M . 28.16 -11.83 -8.81
O1A HEM M . 27.34 -11.05 -9.37
O2A HEM M . 29.22 -12.25 -9.36
C1B HEM M . 23.71 -9.30 -2.85
C2B HEM M . 22.85 -8.23 -2.34
C3B HEM M . 21.88 -8.82 -1.62
C4B HEM M . 22.08 -10.28 -1.66
CMB HEM M . 23.02 -6.72 -2.60
CAB HEM M . 20.72 -8.07 -0.94
CBB HEM M . 20.60 -8.08 0.39
C1C HEM M . 21.54 -12.59 -0.95
C2C HEM M . 20.72 -13.55 -0.22
C3C HEM M . 21.25 -14.78 -0.42
C4C HEM M . 22.41 -14.62 -1.29
CMC HEM M . 19.49 -13.15 0.63
CAC HEM M . 20.76 -16.14 0.15
CBC HEM M . 19.54 -16.28 0.69
C1D HEM M . 24.34 -15.45 -2.60
C2D HEM M . 25.20 -16.53 -3.07
C3D HEM M . 26.25 -15.87 -3.97
C4D HEM M . 25.93 -14.45 -3.94
CMD HEM M . 25.10 -18.04 -2.78
CAD HEM M . 27.39 -16.58 -4.72
CBD HEM M . 26.81 -17.13 -6.03
CGD HEM M . 27.87 -17.84 -6.86
O1D HEM M . 27.54 -18.35 -7.97
O2D HEM M . 29.03 -17.87 -6.41
NA HEM M . 25.51 -11.44 -3.93
NB HEM M . 23.20 -10.50 -2.40
NC HEM M . 22.53 -13.29 -1.60
ND HEM M . 24.81 -14.26 -3.14
FE HEM M . 23.99 -12.39 -2.77
ZN ZN N . 2.18 -4.40 -1.10
#